data_5TF8
#
_entry.id   5TF8
#
_cell.length_a   40.188
_cell.length_b   40.188
_cell.length_c   141.750
_cell.angle_alpha   90.00
_cell.angle_beta   90.00
_cell.angle_gamma   90.00
#
_symmetry.space_group_name_H-M   'P 43'
#
loop_
_entity.id
_entity.type
_entity.pdbx_description
1 polymer 'Cystic fibrosis transmembrane conductance regulator'
2 non-polymer "THYMIDINE-5'-TRIPHOSPHATE"
3 non-polymer 'MAGNESIUM ION'
4 water water
#
_entity_poly.entity_id   1
_entity_poly.type   'polypeptide(L)'
_entity_poly.pdbx_seq_one_letter_code
;SLTTTEVVMENVTAFWEEGGTPVLKDINFKIERGQLLAVAGSTGAGKTSLLMMIMGELEPSEGKIKHSGRISFCSQFSWI
MPGTIKENIIFGVSYDEYRYRSVIKACQLEEDISKFAEKDNIVLGEGGITLSGGQRARISLARAVYKDADLYLLDSPFGY
LDVLTEKEIFESCVCKLMANKTRILVTSKMEHLKKADKILILHEGSSYFYGTFSELQNLQPDFSSKLMG
;
_entity_poly.pdbx_strand_id   A
#
# COMPACT_ATOMS: atom_id res chain seq x y z
N THR A 4 6.36 7.44 -19.66
CA THR A 4 7.34 6.59 -19.00
C THR A 4 7.38 6.87 -17.49
N THR A 5 7.13 8.11 -17.08
CA THR A 5 6.94 8.39 -15.66
C THR A 5 5.47 8.23 -15.33
N GLU A 6 5.21 7.64 -14.17
CA GLU A 6 3.87 7.23 -13.80
C GLU A 6 3.28 8.11 -12.72
N VAL A 7 4.07 8.48 -11.71
CA VAL A 7 3.64 9.41 -10.69
C VAL A 7 4.75 10.42 -10.44
N VAL A 8 4.38 11.69 -10.38
CA VAL A 8 5.31 12.78 -10.07
C VAL A 8 4.67 13.69 -9.05
N MET A 9 5.44 14.09 -8.04
CA MET A 9 5.10 15.24 -7.22
C MET A 9 6.27 16.22 -7.26
N GLU A 10 5.96 17.49 -7.48
CA GLU A 10 7.00 18.51 -7.55
C GLU A 10 6.59 19.69 -6.69
N ASN A 11 7.42 20.01 -5.69
CA ASN A 11 7.18 21.13 -4.78
C ASN A 11 5.75 21.14 -4.21
N VAL A 12 5.25 19.98 -3.81
CA VAL A 12 3.86 19.90 -3.36
C VAL A 12 3.73 20.27 -1.89
N THR A 13 2.82 21.19 -1.60
CA THR A 13 2.39 21.57 -0.25
C THR A 13 0.88 21.49 -0.21
N ALA A 14 0.32 21.00 0.90
CA ALA A 14 -1.13 20.85 0.98
C ALA A 14 -1.58 21.04 2.43
N PHE A 15 -2.86 21.38 2.58
CA PHE A 15 -3.48 21.59 3.88
C PHE A 15 -4.79 20.83 3.95
N TRP A 16 -5.07 20.18 5.08
CA TRP A 16 -6.41 19.67 5.33
C TRP A 16 -7.38 20.76 5.74
N GLU A 17 -6.89 21.81 6.40
CA GLU A 17 -7.72 22.91 6.88
C GLU A 17 -7.14 24.24 6.41
N GLU A 18 -7.97 25.06 5.77
CA GLU A 18 -7.53 26.38 5.33
C GLU A 18 -6.93 27.17 6.48
N GLY A 19 -5.71 27.65 6.28
CA GLY A 19 -5.02 28.37 7.33
C GLY A 19 -4.55 27.53 8.50
N GLY A 20 -4.48 26.22 8.34
CA GLY A 20 -3.90 25.34 9.34
C GLY A 20 -2.41 25.16 9.14
N THR A 21 -1.86 24.07 9.77
CA THR A 21 -0.48 23.82 9.35
C THR A 21 -0.49 22.85 8.17
N PRO A 22 0.50 22.96 7.26
CA PRO A 22 0.51 22.09 6.10
C PRO A 22 0.72 20.64 6.51
N VAL A 23 -0.06 19.75 5.91
CA VAL A 23 0.11 18.32 6.16
C VAL A 23 1.23 17.72 5.31
N LEU A 24 1.52 18.36 4.18
CA LEU A 24 2.64 18.01 3.32
C LEU A 24 3.32 19.31 2.93
N LYS A 25 4.65 19.35 2.97
CA LYS A 25 5.41 20.57 2.68
C LYS A 25 6.52 20.28 1.69
N ASP A 26 6.48 20.92 0.52
CA ASP A 26 7.52 20.87 -0.51
C ASP A 26 7.99 19.43 -0.76
N ILE A 27 7.03 18.58 -1.11
CA ILE A 27 7.28 17.17 -1.37
C ILE A 27 7.66 16.97 -2.84
N ASN A 28 8.69 16.15 -3.07
CA ASN A 28 9.20 15.87 -4.41
C ASN A 28 9.51 14.39 -4.56
N PHE A 29 8.99 13.76 -5.62
CA PHE A 29 9.41 12.41 -5.96
C PHE A 29 8.99 12.08 -7.39
N LYS A 30 9.53 10.99 -7.92
CA LYS A 30 9.13 10.47 -9.22
C LYS A 30 9.20 8.95 -9.21
N ILE A 31 8.18 8.31 -9.78
CA ILE A 31 8.09 6.86 -9.96
C ILE A 31 7.90 6.58 -11.45
N GLU A 32 8.81 5.81 -12.04
CA GLU A 32 8.60 5.33 -13.40
C GLU A 32 7.64 4.14 -13.40
N ARG A 33 7.06 3.86 -14.58
CA ARG A 33 6.16 2.72 -14.71
C ARG A 33 6.83 1.44 -14.21
N GLY A 34 6.11 0.70 -13.37
CA GLY A 34 6.60 -0.55 -12.84
C GLY A 34 7.52 -0.45 -11.63
N GLN A 35 7.78 0.75 -11.12
CA GLN A 35 8.71 0.85 -10.01
C GLN A 35 7.96 0.80 -8.68
N LEU A 36 8.74 0.68 -7.61
CA LEU A 36 8.25 0.63 -6.24
C LEU A 36 8.82 1.83 -5.48
N LEU A 37 7.94 2.67 -4.97
CA LEU A 37 8.29 3.73 -4.02
C LEU A 37 7.90 3.30 -2.62
N ALA A 38 8.85 3.33 -1.69
CA ALA A 38 8.55 3.11 -0.28
C ALA A 38 8.38 4.46 0.41
N VAL A 39 7.31 4.59 1.20
CA VAL A 39 7.01 5.84 1.92
C VAL A 39 7.04 5.52 3.40
N ALA A 40 7.97 6.15 4.12
CA ALA A 40 8.20 5.89 5.53
C ALA A 40 8.02 7.16 6.34
N GLY A 41 8.00 7.02 7.66
CA GLY A 41 7.88 8.14 8.57
C GLY A 41 6.98 7.82 9.75
N SER A 42 7.13 8.59 10.82
CA SER A 42 6.40 8.33 12.06
CA SER A 42 6.40 8.33 12.06
C SER A 42 4.91 8.64 11.90
N THR A 43 4.14 8.26 12.92
CA THR A 43 2.71 8.54 12.89
CA THR A 43 2.71 8.55 12.92
C THR A 43 2.47 10.04 12.77
N GLY A 44 1.50 10.41 11.93
CA GLY A 44 1.20 11.80 11.65
C GLY A 44 2.11 12.48 10.65
N ALA A 45 3.06 11.75 10.05
CA ALA A 45 4.01 12.38 9.14
C ALA A 45 3.36 12.86 7.86
N GLY A 46 2.22 12.29 7.47
CA GLY A 46 1.54 12.66 6.23
C GLY A 46 1.51 11.56 5.17
N LYS A 47 1.79 10.30 5.55
CA LYS A 47 1.91 9.24 4.55
C LYS A 47 0.55 8.93 3.93
N THR A 48 -0.48 8.71 4.76
CA THR A 48 -1.81 8.46 4.22
C THR A 48 -2.32 9.67 3.47
N SER A 49 -2.02 10.87 3.96
CA SER A 49 -2.44 12.08 3.26
C SER A 49 -1.83 12.14 1.87
N LEU A 50 -0.58 11.69 1.72
CA LEU A 50 0.04 11.68 0.41
C LEU A 50 -0.72 10.76 -0.55
N LEU A 51 -1.10 9.57 -0.07
CA LEU A 51 -1.92 8.68 -0.88
C LEU A 51 -3.26 9.32 -1.23
N MET A 52 -3.87 10.03 -0.27
N MET A 52 -3.87 10.04 -0.28
CA MET A 52 -5.15 10.69 -0.50
CA MET A 52 -5.16 10.66 -0.55
C MET A 52 -5.02 11.74 -1.60
C MET A 52 -5.04 11.77 -1.58
N MET A 53 -3.90 12.45 -1.63
CA MET A 53 -3.70 13.42 -2.70
CA MET A 53 -3.68 13.42 -2.70
C MET A 53 -3.62 12.74 -4.06
N ILE A 54 -2.96 11.58 -4.13
CA ILE A 54 -2.92 10.84 -5.38
C ILE A 54 -4.32 10.42 -5.80
N MET A 55 -5.15 10.02 -4.84
CA MET A 55 -6.52 9.61 -5.15
C MET A 55 -7.47 10.79 -5.31
N GLY A 56 -6.98 12.02 -5.28
CA GLY A 56 -7.81 13.18 -5.55
C GLY A 56 -8.66 13.64 -4.39
N GLU A 57 -8.41 13.16 -3.18
CA GLU A 57 -9.18 13.58 -2.02
C GLU A 57 -8.53 14.72 -1.28
N LEU A 58 -7.36 15.16 -1.74
CA LEU A 58 -6.62 16.26 -1.12
C LEU A 58 -5.98 17.06 -2.23
N GLU A 59 -6.30 18.30 -2.30
CA GLU A 59 -5.82 19.11 -3.40
C GLU A 59 -4.61 19.93 -2.96
N PRO A 60 -3.57 20.06 -3.80
CA PRO A 60 -2.38 20.79 -3.38
C PRO A 60 -2.58 22.29 -3.44
N SER A 61 -1.97 22.99 -2.48
CA SER A 61 -1.97 24.45 -2.51
CA SER A 61 -1.97 24.44 -2.50
C SER A 61 -0.80 25.00 -3.32
N GLU A 62 0.28 24.24 -3.42
CA GLU A 62 1.44 24.57 -4.23
C GLU A 62 1.88 23.30 -4.94
N GLY A 63 2.52 23.47 -6.09
CA GLY A 63 3.21 22.37 -6.73
C GLY A 63 2.38 21.70 -7.82
N LYS A 64 3.00 20.67 -8.42
CA LYS A 64 2.46 19.93 -9.54
C LYS A 64 2.40 18.44 -9.21
N ILE A 65 1.35 17.76 -9.68
CA ILE A 65 1.17 16.32 -9.52
C ILE A 65 0.86 15.70 -10.87
N LYS A 66 1.48 14.56 -11.14
CA LYS A 66 1.18 13.78 -12.33
C LYS A 66 0.85 12.35 -11.93
N HIS A 67 -0.29 11.83 -12.40
CA HIS A 67 -0.56 10.40 -12.37
C HIS A 67 -1.80 10.14 -13.20
N SER A 68 -1.87 8.96 -13.79
CA SER A 68 -2.93 8.63 -14.72
C SER A 68 -3.39 7.19 -14.52
N GLY A 69 -4.68 6.97 -14.59
CA GLY A 69 -5.21 5.64 -14.68
C GLY A 69 -5.91 5.21 -13.40
N ARG A 70 -6.30 3.94 -13.41
CA ARG A 70 -7.06 3.40 -12.29
C ARG A 70 -6.13 3.14 -11.13
N ILE A 71 -6.64 3.37 -9.94
CA ILE A 71 -5.91 3.16 -8.71
C ILE A 71 -6.54 2.00 -7.95
N SER A 72 -5.71 1.16 -7.35
CA SER A 72 -6.19 0.23 -6.34
C SER A 72 -5.56 0.61 -5.01
N PHE A 73 -6.40 0.82 -3.99
CA PHE A 73 -5.98 1.33 -2.70
C PHE A 73 -6.20 0.27 -1.63
N CYS A 74 -5.16 0.00 -0.83
CA CYS A 74 -5.28 -0.85 0.35
C CYS A 74 -5.13 0.01 1.60
N SER A 75 -6.23 0.16 2.34
CA SER A 75 -6.22 0.98 3.55
C SER A 75 -5.36 0.36 4.65
N GLN A 76 -4.78 1.22 5.51
CA GLN A 76 -4.10 0.71 6.69
C GLN A 76 -5.05 0.09 7.70
N PHE A 77 -6.35 0.34 7.56
CA PHE A 77 -7.37 -0.27 8.40
C PHE A 77 -8.04 -1.36 7.59
N SER A 78 -7.72 -2.61 7.90
CA SER A 78 -8.30 -3.72 7.17
CA SER A 78 -8.29 -3.73 7.19
C SER A 78 -9.80 -3.80 7.43
N TRP A 79 -10.53 -4.27 6.43
CA TRP A 79 -11.97 -4.34 6.55
C TRP A 79 -12.48 -5.53 5.76
N ILE A 80 -13.66 -5.99 6.17
CA ILE A 80 -14.36 -7.13 5.57
C ILE A 80 -15.80 -6.70 5.34
N MET A 81 -16.39 -7.15 4.25
CA MET A 81 -17.82 -7.01 4.07
C MET A 81 -18.49 -8.37 4.14
N PRO A 82 -19.78 -8.42 4.47
CA PRO A 82 -20.49 -9.71 4.51
C PRO A 82 -20.41 -10.42 3.17
N GLY A 83 -19.94 -11.66 3.20
CA GLY A 83 -19.81 -12.46 2.00
C GLY A 83 -18.72 -13.50 2.19
N THR A 84 -18.52 -14.29 1.14
CA THR A 84 -17.49 -15.32 1.25
C THR A 84 -16.10 -14.67 1.20
N ILE A 85 -15.08 -15.44 1.58
CA ILE A 85 -13.73 -14.92 1.45
C ILE A 85 -13.41 -14.67 -0.03
N LYS A 86 -13.91 -15.52 -0.92
CA LYS A 86 -13.70 -15.28 -2.35
C LYS A 86 -14.37 -13.97 -2.78
N GLU A 87 -15.62 -13.75 -2.35
CA GLU A 87 -16.32 -12.52 -2.72
C GLU A 87 -15.62 -11.29 -2.15
N ASN A 88 -15.05 -11.41 -0.94
CA ASN A 88 -14.33 -10.28 -0.34
C ASN A 88 -13.07 -9.93 -1.12
N ILE A 89 -12.44 -10.92 -1.73
CA ILE A 89 -11.19 -10.64 -2.43
C ILE A 89 -11.48 -10.15 -3.84
N ILE A 90 -12.44 -10.78 -4.53
CA ILE A 90 -12.81 -10.36 -5.88
C ILE A 90 -13.52 -9.01 -5.85
N PHE A 91 -14.37 -8.82 -4.85
CA PHE A 91 -15.06 -7.56 -4.54
C PHE A 91 -15.60 -6.87 -5.80
N GLY A 92 -16.47 -7.59 -6.51
CA GLY A 92 -17.15 -7.04 -7.67
C GLY A 92 -16.37 -7.01 -8.97
N VAL A 93 -15.08 -7.37 -8.95
CA VAL A 93 -14.26 -7.50 -10.16
C VAL A 93 -14.61 -8.82 -10.83
N SER A 94 -14.46 -8.91 -12.15
CA SER A 94 -14.69 -10.19 -12.81
C SER A 94 -13.75 -11.25 -12.26
N TYR A 95 -14.23 -12.49 -12.25
CA TYR A 95 -13.52 -13.60 -11.63
C TYR A 95 -12.63 -14.33 -12.63
N ASP A 96 -11.42 -14.64 -12.20
CA ASP A 96 -10.56 -15.56 -12.93
C ASP A 96 -9.85 -16.49 -11.95
N GLU A 97 -10.01 -17.79 -12.14
CA GLU A 97 -9.47 -18.76 -11.19
C GLU A 97 -7.96 -18.60 -11.03
N TYR A 98 -7.23 -18.52 -12.15
CA TYR A 98 -5.77 -18.46 -12.05
C TYR A 98 -5.33 -17.20 -11.31
N ARG A 99 -5.90 -16.05 -11.69
CA ARG A 99 -5.52 -14.79 -11.05
C ARG A 99 -5.84 -14.82 -9.55
N TYR A 100 -7.06 -15.26 -9.22
CA TYR A 100 -7.47 -15.40 -7.83
C TYR A 100 -6.53 -16.32 -7.05
N ARG A 101 -6.25 -17.51 -7.59
CA ARG A 101 -5.37 -18.43 -6.88
C ARG A 101 -3.97 -17.84 -6.71
N SER A 102 -3.47 -17.13 -7.72
CA SER A 102 -2.14 -16.56 -7.61
C SER A 102 -2.06 -15.55 -6.48
N VAL A 103 -3.10 -14.74 -6.34
CA VAL A 103 -3.14 -13.75 -5.27
C VAL A 103 -3.23 -14.42 -3.91
N ILE A 104 -4.15 -15.39 -3.73
CA ILE A 104 -4.26 -15.93 -2.39
C ILE A 104 -3.01 -16.71 -2.01
N LYS A 105 -2.33 -17.33 -2.98
CA LYS A 105 -1.05 -17.97 -2.66
C LYS A 105 0.00 -16.93 -2.26
N ALA A 106 0.06 -15.83 -2.99
CA ALA A 106 1.06 -14.80 -2.69
C ALA A 106 0.81 -14.16 -1.33
N CYS A 107 -0.45 -14.19 -0.87
CA CYS A 107 -0.82 -13.61 0.41
C CYS A 107 -0.90 -14.65 1.54
N GLN A 108 -0.45 -15.88 1.29
CA GLN A 108 -0.45 -16.99 2.25
C GLN A 108 -1.86 -17.36 2.74
N LEU A 109 -2.89 -16.95 2.01
CA LEU A 109 -4.26 -17.28 2.39
C LEU A 109 -4.69 -18.69 1.99
N GLU A 110 -3.95 -19.35 1.09
CA GLU A 110 -4.34 -20.70 0.69
C GLU A 110 -4.27 -21.65 1.88
N GLU A 111 -3.27 -21.45 2.75
CA GLU A 111 -3.13 -22.20 3.99
C GLU A 111 -4.37 -22.04 4.87
N ASP A 112 -4.74 -20.79 5.15
CA ASP A 112 -5.95 -20.54 5.95
C ASP A 112 -7.16 -21.18 5.32
N ILE A 113 -7.38 -20.94 4.02
CA ILE A 113 -8.61 -21.36 3.38
C ILE A 113 -8.72 -22.88 3.35
N SER A 114 -7.59 -23.56 3.14
CA SER A 114 -7.61 -25.03 3.06
C SER A 114 -8.12 -25.68 4.35
N LYS A 115 -8.09 -24.97 5.49
CA LYS A 115 -8.51 -25.59 6.75
C LYS A 115 -10.03 -25.52 6.98
N PHE A 116 -10.76 -24.74 6.18
CA PHE A 116 -12.20 -24.64 6.30
C PHE A 116 -12.92 -25.68 5.44
N ALA A 117 -13.95 -26.31 6.02
CA ALA A 117 -14.75 -27.26 5.24
C ALA A 117 -15.37 -26.58 4.04
N GLU A 118 -15.76 -25.31 4.18
CA GLU A 118 -16.35 -24.58 3.07
C GLU A 118 -15.31 -23.93 2.17
N LYS A 119 -14.02 -24.04 2.49
CA LYS A 119 -12.93 -23.55 1.63
C LYS A 119 -13.19 -22.09 1.29
N ASP A 120 -13.12 -21.68 0.02
CA ASP A 120 -13.28 -20.29 -0.39
C ASP A 120 -14.69 -19.76 -0.20
N ASN A 121 -15.66 -20.62 0.07
CA ASN A 121 -17.02 -20.21 0.33
C ASN A 121 -17.30 -19.96 1.81
N ILE A 122 -16.28 -20.02 2.68
CA ILE A 122 -16.51 -19.65 4.08
C ILE A 122 -17.03 -18.22 4.14
N VAL A 123 -18.03 -17.99 5.00
CA VAL A 123 -18.71 -16.70 5.07
C VAL A 123 -18.07 -15.84 6.14
N LEU A 124 -17.72 -14.61 5.77
CA LEU A 124 -17.13 -13.63 6.67
C LEU A 124 -18.12 -12.52 6.94
N GLY A 125 -17.89 -11.79 8.03
CA GLY A 125 -18.62 -10.54 8.23
C GLY A 125 -20.08 -10.70 8.56
N GLU A 126 -20.51 -11.91 8.95
CA GLU A 126 -21.92 -12.19 9.21
C GLU A 126 -22.11 -12.85 10.56
N GLY A 127 -21.18 -12.64 11.48
CA GLY A 127 -21.25 -13.19 12.82
C GLY A 127 -20.71 -14.59 13.00
N GLY A 128 -20.32 -15.27 11.93
CA GLY A 128 -19.78 -16.61 12.07
C GLY A 128 -18.32 -16.61 12.46
N ILE A 129 -17.46 -16.78 11.46
CA ILE A 129 -16.02 -16.74 11.69
C ILE A 129 -15.61 -15.36 12.18
N THR A 130 -14.81 -15.34 13.25
CA THR A 130 -14.17 -14.12 13.71
C THR A 130 -12.71 -14.19 13.27
N LEU A 131 -12.34 -13.38 12.29
CA LEU A 131 -10.99 -13.44 11.75
C LEU A 131 -9.99 -12.74 12.67
N SER A 132 -8.76 -13.25 12.65
CA SER A 132 -7.66 -12.57 13.34
C SER A 132 -7.29 -11.29 12.61
N GLY A 133 -6.54 -10.42 13.29
CA GLY A 133 -6.09 -9.19 12.65
C GLY A 133 -5.21 -9.48 11.45
N GLY A 134 -4.37 -10.50 11.54
CA GLY A 134 -3.47 -10.82 10.44
C GLY A 134 -4.22 -11.40 9.26
N GLN A 135 -5.24 -12.21 9.53
CA GLN A 135 -6.08 -12.70 8.45
C GLN A 135 -6.82 -11.55 7.75
N ARG A 136 -7.39 -10.64 8.53
CA ARG A 136 -8.13 -9.53 7.91
C ARG A 136 -7.20 -8.65 7.08
N ALA A 137 -5.95 -8.47 7.55
CA ALA A 137 -5.00 -7.68 6.77
C ALA A 137 -4.64 -8.39 5.47
N ARG A 138 -4.40 -9.70 5.53
CA ARG A 138 -4.02 -10.38 4.29
C ARG A 138 -5.18 -10.45 3.31
N ILE A 139 -6.43 -10.56 3.79
CA ILE A 139 -7.58 -10.48 2.90
C ILE A 139 -7.68 -9.09 2.26
N SER A 140 -7.48 -8.04 3.07
CA SER A 140 -7.56 -6.70 2.52
C SER A 140 -6.47 -6.46 1.47
N LEU A 141 -5.26 -6.95 1.74
CA LEU A 141 -4.19 -6.82 0.75
C LEU A 141 -4.56 -7.59 -0.52
N ALA A 142 -5.01 -8.83 -0.37
CA ALA A 142 -5.38 -9.63 -1.53
C ALA A 142 -6.45 -8.93 -2.37
N ARG A 143 -7.44 -8.34 -1.70
CA ARG A 143 -8.49 -7.60 -2.42
C ARG A 143 -7.89 -6.50 -3.28
N ALA A 144 -6.96 -5.72 -2.72
CA ALA A 144 -6.36 -4.62 -3.46
C ALA A 144 -5.46 -5.10 -4.58
N VAL A 145 -4.78 -6.23 -4.38
CA VAL A 145 -3.86 -6.74 -5.38
C VAL A 145 -4.62 -7.44 -6.50
N TYR A 146 -5.79 -8.02 -6.20
CA TYR A 146 -6.57 -8.70 -7.23
C TYR A 146 -7.10 -7.70 -8.25
N LYS A 147 -7.50 -6.52 -7.79
CA LYS A 147 -8.01 -5.48 -8.69
C LYS A 147 -6.97 -5.14 -9.75
N ASP A 148 -7.42 -5.00 -10.99
CA ASP A 148 -6.52 -4.58 -12.06
C ASP A 148 -6.44 -3.05 -12.05
N ALA A 149 -5.23 -2.51 -11.95
CA ALA A 149 -5.09 -1.07 -11.87
C ALA A 149 -3.75 -0.67 -12.46
N ASP A 150 -3.62 0.63 -12.77
CA ASP A 150 -2.32 1.15 -13.19
C ASP A 150 -1.43 1.51 -12.02
N LEU A 151 -2.02 1.79 -10.86
CA LEU A 151 -1.24 2.23 -9.71
C LEU A 151 -1.81 1.59 -8.44
N TYR A 152 -0.93 0.99 -7.64
CA TYR A 152 -1.32 0.30 -6.42
C TYR A 152 -0.80 1.10 -5.22
N LEU A 153 -1.72 1.51 -4.35
CA LEU A 153 -1.39 2.32 -3.18
C LEU A 153 -1.65 1.44 -1.96
N LEU A 154 -0.56 0.94 -1.35
CA LEU A 154 -0.64 -0.05 -0.28
C LEU A 154 -0.21 0.64 1.01
N ASP A 155 -1.19 1.02 1.84
CA ASP A 155 -0.94 1.84 3.03
C ASP A 155 -0.74 0.92 4.23
N SER A 156 0.51 0.63 4.57
CA SER A 156 0.86 -0.17 5.73
CA SER A 156 0.86 -0.17 5.73
C SER A 156 0.03 -1.46 5.78
N PRO A 157 0.14 -2.31 4.75
CA PRO A 157 -0.80 -3.44 4.61
C PRO A 157 -0.47 -4.66 5.45
N PHE A 158 0.64 -4.64 6.18
CA PHE A 158 1.12 -5.84 6.85
C PHE A 158 0.79 -5.83 8.33
N GLY A 159 -0.35 -5.23 8.69
CA GLY A 159 -0.73 -5.13 10.08
C GLY A 159 -0.94 -6.50 10.69
N TYR A 160 -0.48 -6.66 11.93
CA TYR A 160 -0.67 -7.85 12.75
C TYR A 160 0.18 -9.04 12.31
N LEU A 161 1.04 -8.89 11.31
CA LEU A 161 1.85 -10.00 10.84
C LEU A 161 3.18 -10.01 11.58
N ASP A 162 3.68 -11.21 11.87
CA ASP A 162 5.01 -11.31 12.44
C ASP A 162 6.06 -10.97 11.38
N VAL A 163 7.29 -10.73 11.86
CA VAL A 163 8.36 -10.21 11.00
C VAL A 163 8.62 -11.12 9.80
N LEU A 164 8.65 -12.43 10.01
CA LEU A 164 8.98 -13.31 8.90
C LEU A 164 7.83 -13.41 7.90
N THR A 165 6.60 -13.49 8.41
CA THR A 165 5.45 -13.53 7.50
C THR A 165 5.38 -12.27 6.65
N GLU A 166 5.60 -11.11 7.27
CA GLU A 166 5.65 -9.84 6.54
C GLU A 166 6.72 -9.88 5.46
N LYS A 167 7.91 -10.33 5.81
CA LYS A 167 8.99 -10.46 4.83
C LYS A 167 8.60 -11.37 3.69
N GLU A 168 7.99 -12.51 3.98
CA GLU A 168 7.65 -13.46 2.93
C GLU A 168 6.60 -12.89 1.99
N ILE A 169 5.58 -12.22 2.54
CA ILE A 169 4.51 -11.69 1.70
C ILE A 169 4.98 -10.46 0.94
N PHE A 170 5.82 -9.63 1.56
CA PHE A 170 6.44 -8.54 0.82
C PHE A 170 7.15 -9.07 -0.42
N GLU A 171 7.88 -10.19 -0.28
CA GLU A 171 8.61 -10.75 -1.40
C GLU A 171 7.69 -11.44 -2.40
N SER A 172 6.77 -12.28 -1.92
CA SER A 172 5.95 -13.05 -2.86
C SER A 172 4.90 -12.18 -3.53
N CYS A 173 4.31 -11.23 -2.81
CA CYS A 173 3.22 -10.43 -3.36
C CYS A 173 3.75 -9.12 -3.97
N VAL A 174 4.40 -8.29 -3.15
CA VAL A 174 4.75 -6.95 -3.63
C VAL A 174 5.89 -7.00 -4.64
N CYS A 175 6.87 -7.90 -4.44
CA CYS A 175 8.06 -7.94 -5.29
C CYS A 175 7.92 -8.90 -6.47
N LYS A 176 7.32 -10.06 -6.29
CA LYS A 176 7.26 -11.05 -7.36
C LYS A 176 5.94 -10.99 -8.12
N LEU A 177 4.82 -11.20 -7.43
CA LEU A 177 3.53 -11.19 -8.12
C LEU A 177 3.28 -9.85 -8.79
N MET A 178 3.68 -8.76 -8.14
CA MET A 178 3.41 -7.43 -8.65
C MET A 178 4.63 -6.79 -9.32
N ALA A 179 5.57 -7.61 -9.80
CA ALA A 179 6.86 -7.10 -10.27
C ALA A 179 6.72 -6.08 -11.39
N ASN A 180 5.66 -6.14 -12.19
CA ASN A 180 5.58 -5.24 -13.32
C ASN A 180 4.70 -4.03 -13.07
N LYS A 181 4.22 -3.85 -11.84
CA LYS A 181 3.19 -2.87 -11.52
C LYS A 181 3.80 -1.68 -10.81
N THR A 182 3.21 -0.51 -11.06
CA THR A 182 3.64 0.69 -10.35
C THR A 182 3.04 0.65 -8.95
N ARG A 183 3.89 0.72 -7.93
CA ARG A 183 3.50 0.49 -6.55
C ARG A 183 4.00 1.62 -5.66
N ILE A 184 3.14 2.08 -4.76
CA ILE A 184 3.56 2.90 -3.63
C ILE A 184 3.19 2.15 -2.37
N LEU A 185 4.19 1.84 -1.57
CA LEU A 185 4.00 1.05 -0.36
C LEU A 185 4.40 1.90 0.84
N VAL A 186 3.45 2.20 1.71
CA VAL A 186 3.77 2.88 2.96
C VAL A 186 4.29 1.82 3.92
N THR A 187 5.54 1.96 4.34
CA THR A 187 6.20 0.93 5.14
C THR A 187 7.42 1.55 5.79
N SER A 188 7.84 0.95 6.89
CA SER A 188 9.00 1.38 7.66
CA SER A 188 9.04 1.41 7.58
C SER A 188 10.15 0.38 7.62
N LYS A 189 9.93 -0.82 7.09
CA LYS A 189 10.84 -1.94 7.30
CA LYS A 189 10.85 -1.93 7.31
C LYS A 189 12.07 -1.83 6.39
N MET A 190 13.23 -2.13 6.96
CA MET A 190 14.50 -1.93 6.26
C MET A 190 14.55 -2.66 4.93
N GLU A 191 14.13 -3.94 4.88
CA GLU A 191 14.23 -4.67 3.62
C GLU A 191 13.35 -4.06 2.54
N HIS A 192 12.19 -3.51 2.93
CA HIS A 192 11.31 -2.91 1.94
C HIS A 192 11.92 -1.65 1.36
N LEU A 193 12.58 -0.86 2.21
CA LEU A 193 13.25 0.35 1.74
C LEU A 193 14.43 -0.02 0.85
N LYS A 194 15.14 -1.10 1.19
CA LYS A 194 16.29 -1.52 0.41
C LYS A 194 15.89 -2.03 -0.98
N LYS A 195 14.76 -2.74 -1.06
CA LYS A 195 14.29 -3.29 -2.33
C LYS A 195 13.59 -2.25 -3.20
N ALA A 196 13.08 -1.17 -2.61
CA ALA A 196 12.37 -0.16 -3.38
C ALA A 196 13.30 0.52 -4.36
N ASP A 197 12.71 1.00 -5.48
CA ASP A 197 13.49 1.80 -6.42
C ASP A 197 13.80 3.18 -5.87
N LYS A 198 12.87 3.74 -5.10
CA LYS A 198 13.06 5.02 -4.43
C LYS A 198 12.42 4.94 -3.05
N ILE A 199 12.92 5.79 -2.16
CA ILE A 199 12.45 5.91 -0.79
C ILE A 199 12.09 7.37 -0.54
N LEU A 200 10.93 7.60 0.07
CA LEU A 200 10.53 8.91 0.58
C LEU A 200 10.25 8.77 2.06
N ILE A 201 11.05 9.41 2.90
CA ILE A 201 10.81 9.43 4.34
C ILE A 201 10.24 10.80 4.70
N LEU A 202 9.05 10.79 5.29
CA LEU A 202 8.36 11.99 5.70
C LEU A 202 8.52 12.23 7.20
N HIS A 203 8.61 13.49 7.58
CA HIS A 203 8.61 13.86 8.99
C HIS A 203 7.82 15.14 9.18
N GLU A 204 6.70 15.04 9.89
CA GLU A 204 5.83 16.18 10.15
C GLU A 204 5.55 16.97 8.86
N GLY A 205 5.22 16.24 7.81
CA GLY A 205 4.85 16.84 6.55
C GLY A 205 6.00 17.11 5.58
N SER A 206 7.24 17.17 6.06
CA SER A 206 8.37 17.49 5.21
C SER A 206 9.08 16.24 4.72
N SER A 207 9.86 16.42 3.66
CA SER A 207 10.72 15.37 3.11
C SER A 207 11.97 15.26 3.98
N TYR A 208 11.99 14.24 4.83
CA TYR A 208 13.16 13.95 5.64
C TYR A 208 14.31 13.40 4.79
N PHE A 209 13.98 12.54 3.84
CA PHE A 209 14.97 11.98 2.93
C PHE A 209 14.24 11.51 1.67
N TYR A 210 14.83 11.75 0.51
CA TYR A 210 14.35 11.17 -0.72
C TYR A 210 15.53 10.74 -1.57
N GLY A 211 15.54 9.48 -1.97
CA GLY A 211 16.65 8.92 -2.73
C GLY A 211 16.57 7.41 -2.71
N THR A 212 17.73 6.76 -2.80
CA THR A 212 17.78 5.31 -2.72
C THR A 212 18.40 4.88 -1.40
N PHE A 213 18.17 3.60 -1.08
CA PHE A 213 18.77 3.01 0.11
C PHE A 213 20.29 3.07 0.03
N SER A 214 20.85 2.80 -1.15
CA SER A 214 22.29 2.90 -1.35
C SER A 214 22.80 4.31 -1.08
N GLU A 215 22.07 5.33 -1.56
CA GLU A 215 22.47 6.71 -1.30
C GLU A 215 22.50 6.99 0.19
N LEU A 216 21.47 6.54 0.91
CA LEU A 216 21.43 6.73 2.35
C LEU A 216 22.60 6.02 3.04
N GLN A 217 22.92 4.81 2.60
CA GLN A 217 24.09 4.13 3.12
C GLN A 217 25.36 4.95 2.89
N ASN A 218 25.51 5.53 1.70
CA ASN A 218 26.64 6.40 1.38
C ASN A 218 26.77 7.58 2.33
N LEU A 219 25.71 7.93 3.06
CA LEU A 219 25.76 9.06 3.97
C LEU A 219 26.27 8.67 5.35
N GLN A 220 26.51 7.40 5.61
CA GLN A 220 26.85 6.94 6.96
C GLN A 220 28.37 6.96 7.17
N PRO A 221 28.81 7.40 8.36
CA PRO A 221 30.23 7.59 8.68
#